data_8RLN
#
_entry.id   8RLN
#
_cell.length_a   39.556
_cell.length_b   179.693
_cell.length_c   140.454
_cell.angle_alpha   90.00
_cell.angle_beta   90.00
_cell.angle_gamma   90.00
#
_symmetry.space_group_name_H-M   'C 2 2 21'
#
loop_
_entity.id
_entity.type
_entity.pdbx_description
1 polymer 'Adenosine receptor A2a,Soluble cytochrome b562'
2 non-polymer CHOLESTEROL
3 non-polymer 'OLEIC ACID'
4 non-polymer '(2R)-2,3-dihydroxypropyl (9Z)-octadec-9-enoate'
5 non-polymer '(2S)-2,3-dihydroxypropyl (9Z)-octadec-9-enoate'
6 non-polymer DI(HYDROXYETHYL)ETHER
7 non-polymer 2-azanyl-4-(4-hydroxyphenyl)-6-(1~{H}-imidazol-2-ylmethylsulfanyl)pyridine-3,5-dicarbonitrile
8 water water
#
_entity_poly.entity_id   1
_entity_poly.type   'polypeptide(L)'
_entity_poly.pdbx_seq_one_letter_code
;DYKDDDDGAPPIMGSSVYITVELAIAVLAILGNVLVCWAVWLNSNLQNVTNYFVVSLAAADIAVGVLAIPFAITISTGFC
AACHGCLFIACFVLVLTQSKIFSLLAIAIDRYIAIRIPLRYNGLVTGTRAKGIIAICWVLSFAIGLTPMLGWNNCGQPKE
GKAHSQGCGEGQVACLFEDVVPMNYMVYFNFFACVLVPLLLMLGVYLRIFLAARRQLADLEDNWETLNDNLKVIEKADNA
AQVKDALTKMRAAALDAQKATPPKLEDKSPDSPEMKDFRHGFDILVGQIDDALKLANEGKVKEAQAAAEQLKTTRNAYIQ
KYLERARSTLQKEVHAAKSLAIIVGLFALCWLPLHIINCFTFFCPDCSHAPLWLMYLAIVLSHTNSVVNPFIYAYRIREF
RQTFRKIIRSHVLRQQEPFKAHHHHHHHHHH
;
_entity_poly.pdbx_strand_id   A
#
loop_
_chem_comp.id
_chem_comp.type
_chem_comp.name
_chem_comp.formula
A1H1S non-polymer 2-azanyl-4-(4-hydroxyphenyl)-6-(1~{H}-imidazol-2-ylmethylsulfanyl)pyridine-3,5-dicarbonitrile 'C17 H12 N6 O S'
CLR non-polymer CHOLESTEROL 'C27 H46 O'
OLA non-polymer 'OLEIC ACID' 'C18 H34 O2'
OLB non-polymer '(2S)-2,3-dihydroxypropyl (9Z)-octadec-9-enoate' 'C21 H40 O4'
OLC non-polymer '(2R)-2,3-dihydroxypropyl (9Z)-octadec-9-enoate' 'C21 H40 O4'
PEG non-polymer DI(HYDROXYETHYL)ETHER 'C4 H10 O3'
#
# COMPACT_ATOMS: atom_id res chain seq x y z
N GLY A 8 -2.94 13.23 44.53
CA GLY A 8 -2.60 12.45 43.28
C GLY A 8 -1.14 12.47 42.86
N ALA A 9 -0.66 11.40 42.21
CA ALA A 9 0.77 11.26 41.90
C ALA A 9 1.29 12.45 41.09
N PRO A 10 2.51 12.92 41.38
CA PRO A 10 3.10 14.03 40.57
C PRO A 10 3.09 13.68 39.10
N PRO A 11 2.51 14.51 38.26
CA PRO A 11 2.34 14.12 36.86
C PRO A 11 3.66 14.01 36.11
N ILE A 12 4.71 14.68 36.57
CA ILE A 12 6.01 14.56 35.93
C ILE A 12 6.55 13.16 35.97
N MET A 13 5.89 12.28 36.71
CA MET A 13 6.33 10.88 36.73
C MET A 13 5.77 10.15 35.54
N GLY A 14 4.46 10.22 35.38
CA GLY A 14 3.85 9.68 34.18
C GLY A 14 4.30 10.38 32.91
N SER A 15 4.57 11.69 32.98
CA SER A 15 5.05 12.37 31.78
C SER A 15 6.45 11.92 31.41
N SER A 16 7.33 11.75 32.41
CA SER A 16 8.70 11.34 32.12
C SER A 16 8.72 10.02 31.40
N VAL A 17 7.76 9.15 31.75
CA VAL A 17 7.66 7.84 31.10
C VAL A 17 7.18 8.01 29.67
N TYR A 18 6.12 8.79 29.48
CA TYR A 18 5.58 9.00 28.15
C TYR A 18 6.60 9.68 27.23
N ILE A 19 7.21 10.77 27.69
CA ILE A 19 8.28 11.40 26.92
C ILE A 19 9.40 10.42 26.55
N THR A 20 9.99 9.73 27.53
CA THR A 20 11.08 8.81 27.21
C THR A 20 10.67 7.80 26.13
N VAL A 21 9.46 7.25 26.25
CA VAL A 21 8.95 6.31 25.26
C VAL A 21 8.85 7.00 23.89
N GLU A 22 8.27 8.19 23.86
CA GLU A 22 8.17 8.92 22.60
C GLU A 22 9.54 9.12 21.98
N LEU A 23 10.53 9.55 22.79
CA LEU A 23 11.87 9.73 22.22
C LEU A 23 12.48 8.41 21.75
N ALA A 24 12.32 7.33 22.51
CA ALA A 24 12.76 6.04 21.99
C ALA A 24 12.23 5.82 20.57
N ILE A 25 10.97 6.20 20.32
CA ILE A 25 10.22 5.88 19.11
C ILE A 25 10.65 6.80 17.97
N ALA A 26 10.76 8.09 18.26
CA ALA A 26 11.34 9.00 17.31
C ALA A 26 12.69 8.49 16.81
N VAL A 27 13.52 7.99 17.72
CA VAL A 27 14.84 7.49 17.34
C VAL A 27 14.72 6.37 16.31
N LEU A 28 13.92 5.36 16.63
CA LEU A 28 13.71 4.25 15.69
C LEU A 28 13.03 4.71 14.40
N ALA A 29 12.19 5.74 14.46
CA ALA A 29 11.46 6.13 13.25
C ALA A 29 12.43 6.67 12.23
N ILE A 30 13.29 7.57 12.71
CA ILE A 30 14.34 8.16 11.88
C ILE A 30 15.24 7.09 11.25
N LEU A 31 15.84 6.25 12.09
CA LEU A 31 16.75 5.22 11.57
C LEU A 31 16.08 4.35 10.54
N GLY A 32 15.01 3.67 10.97
CA GLY A 32 14.36 2.74 10.08
C GLY A 32 14.13 3.35 8.72
N ASN A 33 13.63 4.55 8.72
CA ASN A 33 13.12 5.13 7.49
C ASN A 33 14.18 5.87 6.72
N VAL A 34 15.26 6.29 7.37
CA VAL A 34 16.42 6.73 6.64
C VAL A 34 17.01 5.58 5.88
N LEU A 35 17.02 4.40 6.48
CA LEU A 35 17.59 3.22 5.82
C LEU A 35 16.75 2.83 4.61
N VAL A 36 15.43 2.92 4.72
CA VAL A 36 14.59 2.71 3.55
C VAL A 36 15.06 3.62 2.43
N CYS A 37 15.16 4.91 2.74
CA CYS A 37 15.48 5.90 1.73
C CYS A 37 16.87 5.68 1.18
N TRP A 38 17.86 5.52 2.06
CA TRP A 38 19.22 5.21 1.62
C TRP A 38 19.22 3.96 0.74
N ALA A 39 18.37 2.99 1.08
CA ALA A 39 18.23 1.76 0.28
C ALA A 39 17.80 2.09 -1.15
N VAL A 40 16.71 2.84 -1.33
CA VAL A 40 16.19 3.07 -2.67
C VAL A 40 17.15 3.95 -3.45
N TRP A 41 17.76 4.92 -2.79
CA TRP A 41 18.77 5.73 -3.45
C TRP A 41 19.85 4.84 -4.09
N LEU A 42 20.30 3.82 -3.37
CA LEU A 42 21.50 3.10 -3.73
C LEU A 42 21.26 1.95 -4.67
N ASN A 43 20.06 1.35 -4.64
CA ASN A 43 19.79 0.11 -5.36
C ASN A 43 18.80 0.45 -6.47
N SER A 44 19.31 0.54 -7.68
CA SER A 44 18.44 0.82 -8.81
C SER A 44 17.40 -0.29 -9.08
N ASN A 45 17.55 -1.48 -8.53
CA ASN A 45 16.42 -2.41 -8.55
C ASN A 45 15.21 -1.86 -7.78
N LEU A 46 15.45 -1.05 -6.74
CA LEU A 46 14.40 -0.49 -5.93
C LEU A 46 13.94 0.87 -6.42
N GLN A 47 14.30 1.23 -7.64
CA GLN A 47 13.97 2.53 -8.15
C GLN A 47 12.89 2.40 -9.23
N ASN A 48 11.70 1.99 -8.79
CA ASN A 48 10.49 1.99 -9.60
C ASN A 48 9.52 3.06 -9.09
N VAL A 49 8.45 3.25 -9.84
CA VAL A 49 7.45 4.23 -9.44
C VAL A 49 6.82 3.79 -8.13
N THR A 50 6.53 2.50 -8.02
CA THR A 50 5.96 2.00 -6.80
C THR A 50 6.73 2.51 -5.59
N ASN A 51 8.08 2.45 -5.65
CA ASN A 51 8.92 2.81 -4.51
C ASN A 51 9.12 4.31 -4.35
N TYR A 52 8.74 5.14 -5.34
CA TYR A 52 8.74 6.57 -5.06
C TYR A 52 7.69 6.89 -4.01
N PHE A 53 6.62 6.10 -3.99
CA PHE A 53 5.60 6.26 -2.97
C PHE A 53 6.07 5.72 -1.63
N VAL A 54 6.75 4.58 -1.65
CA VAL A 54 7.41 4.09 -0.45
C VAL A 54 8.33 5.15 0.15
N VAL A 55 9.03 5.92 -0.71
CA VAL A 55 9.94 6.93 -0.18
C VAL A 55 9.17 8.09 0.41
N SER A 56 8.11 8.52 -0.26
CA SER A 56 7.30 9.60 0.28
C SER A 56 6.72 9.18 1.62
N LEU A 57 6.54 7.87 1.82
CA LEU A 57 6.03 7.31 3.06
C LEU A 57 7.13 7.28 4.10
N ALA A 58 8.31 6.80 3.76
CA ALA A 58 9.41 6.87 4.70
C ALA A 58 9.72 8.31 5.12
N ALA A 59 9.62 9.27 4.20
CA ALA A 59 9.94 10.65 4.56
C ALA A 59 8.90 11.25 5.51
N ALA A 60 7.64 10.90 5.31
CA ALA A 60 6.66 11.35 6.27
C ALA A 60 6.89 10.75 7.64
N ASP A 61 7.50 9.56 7.72
CA ASP A 61 7.75 8.91 9.01
C ASP A 61 9.01 9.45 9.68
N ILE A 62 10.06 9.71 8.92
CA ILE A 62 11.18 10.52 9.42
C ILE A 62 10.64 11.82 10.02
N ALA A 63 9.73 12.47 9.32
CA ALA A 63 9.22 13.73 9.84
C ALA A 63 8.43 13.54 11.12
N VAL A 64 7.90 12.35 11.37
CA VAL A 64 7.21 12.09 12.63
C VAL A 64 8.21 12.13 13.76
N GLY A 65 9.35 11.45 13.56
CA GLY A 65 10.37 11.46 14.57
C GLY A 65 10.97 12.82 14.76
N VAL A 66 11.26 13.52 13.68
CA VAL A 66 11.97 14.78 13.82
C VAL A 66 11.05 15.88 14.33
N LEU A 67 9.77 15.83 14.00
CA LEU A 67 8.90 16.94 14.33
C LEU A 67 7.59 16.61 15.03
N ALA A 68 6.82 15.69 14.47
CA ALA A 68 5.48 15.48 15.02
C ALA A 68 5.56 15.01 16.45
N ILE A 69 6.54 14.17 16.76
CA ILE A 69 6.67 13.58 18.08
C ILE A 69 7.16 14.62 19.09
N PRO A 70 8.19 15.39 18.79
CA PRO A 70 8.45 16.58 19.65
C PRO A 70 7.22 17.48 19.82
N PHE A 71 6.47 17.72 18.76
CA PHE A 71 5.25 18.50 18.89
C PHE A 71 4.31 17.87 19.91
N ALA A 72 4.05 16.58 19.75
CA ALA A 72 3.25 15.82 20.72
C ALA A 72 3.77 15.94 22.15
N ILE A 73 5.06 15.83 22.34
CA ILE A 73 5.59 16.05 23.68
C ILE A 73 5.24 17.45 24.15
N THR A 74 5.47 18.46 23.30
CA THR A 74 5.20 19.84 23.71
C THR A 74 3.77 20.05 24.17
N ILE A 75 2.81 19.52 23.43
CA ILE A 75 1.41 19.89 23.68
C ILE A 75 0.75 19.09 24.78
N SER A 76 1.48 18.22 25.45
CA SER A 76 0.95 17.54 26.60
C SER A 76 1.38 18.20 27.89
N THR A 77 2.32 19.12 27.83
CA THR A 77 2.63 20.00 28.93
C THR A 77 1.52 21.01 29.23
N GLY A 78 0.73 21.39 28.23
CA GLY A 78 -0.26 22.43 28.44
C GLY A 78 0.28 23.83 28.49
N PHE A 79 1.39 24.10 27.80
CA PHE A 79 2.11 25.35 27.99
C PHE A 79 1.35 26.54 27.42
N CYS A 80 1.50 27.68 28.07
CA CYS A 80 0.89 28.91 27.59
C CYS A 80 1.38 29.17 26.18
N ALA A 81 0.44 29.42 25.27
CA ALA A 81 0.76 29.51 23.85
C ALA A 81 -0.38 30.25 23.16
N ALA A 82 -0.04 31.03 22.15
CA ALA A 82 -1.08 31.66 21.34
C ALA A 82 -1.90 30.61 20.63
N CYS A 83 -3.21 30.79 20.62
CA CYS A 83 -4.09 29.71 20.15
C CYS A 83 -3.70 29.17 18.77
N HIS A 84 -3.50 30.04 17.79
CA HIS A 84 -3.24 29.53 16.44
C HIS A 84 -1.87 28.88 16.31
N GLY A 85 -0.91 29.23 17.15
CA GLY A 85 0.38 28.58 17.12
C GLY A 85 0.28 27.23 17.75
N CYS A 86 -0.46 27.17 18.83
CA CYS A 86 -0.79 25.86 19.41
C CYS A 86 -1.53 24.99 18.40
N LEU A 87 -2.38 25.59 17.57
N LEU A 87 -2.33 25.60 17.54
CA LEU A 87 -3.08 24.81 16.55
CA LEU A 87 -3.08 24.78 16.59
C LEU A 87 -2.07 24.15 15.62
C LEU A 87 -2.17 24.20 15.51
N PHE A 88 -1.10 24.92 15.14
CA PHE A 88 -0.17 24.41 14.11
C PHE A 88 0.62 23.23 14.64
N ILE A 89 1.18 23.34 15.85
CA ILE A 89 1.87 22.18 16.39
C ILE A 89 0.92 21.03 16.64
N ALA A 90 -0.36 21.31 16.94
CA ALA A 90 -1.33 20.23 17.11
C ALA A 90 -1.64 19.56 15.77
N CYS A 91 -1.68 20.33 14.69
CA CYS A 91 -2.22 19.82 13.43
C CYS A 91 -1.16 19.28 12.51
N PHE A 92 0.12 19.54 12.78
CA PHE A 92 1.13 19.17 11.81
C PHE A 92 1.17 17.66 11.61
N VAL A 93 0.94 16.89 12.68
CA VAL A 93 0.87 15.45 12.56
C VAL A 93 -0.29 15.00 11.68
N LEU A 94 -1.38 15.77 11.65
CA LEU A 94 -2.49 15.39 10.77
C LEU A 94 -2.07 15.52 9.32
N VAL A 95 -1.20 16.49 9.03
CA VAL A 95 -0.72 16.68 7.67
C VAL A 95 0.08 15.45 7.25
N LEU A 96 0.96 15.01 8.13
CA LEU A 96 1.88 13.94 7.76
C LEU A 96 1.15 12.63 7.63
N THR A 97 0.18 12.38 8.51
CA THR A 97 -0.64 11.19 8.41
C THR A 97 -1.44 11.18 7.12
N GLN A 98 -2.00 12.35 6.74
CA GLN A 98 -2.71 12.42 5.47
C GLN A 98 -1.78 12.14 4.30
N SER A 99 -0.52 12.58 4.37
CA SER A 99 0.43 12.23 3.32
C SER A 99 0.54 10.71 3.21
N LYS A 100 0.57 10.02 4.36
CA LYS A 100 0.78 8.56 4.33
C LYS A 100 -0.43 7.84 3.74
N ILE A 101 -1.66 8.33 3.98
CA ILE A 101 -2.84 7.75 3.36
CA ILE A 101 -2.84 7.75 3.36
C ILE A 101 -2.76 7.85 1.84
N PHE A 102 -2.42 9.04 1.35
CA PHE A 102 -2.30 9.21 -0.10
C PHE A 102 -1.22 8.28 -0.66
N SER A 103 -0.05 8.25 -0.03
CA SER A 103 0.97 7.34 -0.50
C SER A 103 0.48 5.89 -0.49
N LEU A 104 -0.25 5.48 0.55
CA LEU A 104 -0.70 4.09 0.59
C LEU A 104 -1.71 3.83 -0.52
N LEU A 105 -2.71 4.70 -0.63
CA LEU A 105 -3.66 4.57 -1.73
C LEU A 105 -2.97 4.59 -3.09
N ALA A 106 -2.00 5.48 -3.28
CA ALA A 106 -1.28 5.48 -4.57
C ALA A 106 -0.70 4.11 -4.84
N ILE A 107 -0.21 3.44 -3.80
CA ILE A 107 0.48 2.17 -4.00
C ILE A 107 -0.53 1.09 -4.37
N ALA A 108 -1.69 1.07 -3.73
CA ALA A 108 -2.68 0.08 -4.10
C ALA A 108 -3.04 0.27 -5.56
N ILE A 109 -3.31 1.50 -5.97
CA ILE A 109 -3.71 1.78 -7.35
C ILE A 109 -2.62 1.40 -8.35
N ASP A 110 -1.40 1.83 -8.09
CA ASP A 110 -0.25 1.42 -8.89
C ASP A 110 -0.20 -0.08 -9.09
N ARG A 111 -0.32 -0.84 -8.00
CA ARG A 111 -0.24 -2.28 -8.09
C ARG A 111 -1.43 -2.85 -8.83
N TYR A 112 -2.57 -2.19 -8.72
CA TYR A 112 -3.74 -2.61 -9.47
C TYR A 112 -3.57 -2.37 -10.97
N ILE A 113 -3.16 -1.16 -11.35
CA ILE A 113 -2.83 -0.94 -12.76
C ILE A 113 -1.84 -1.98 -13.21
N ALA A 114 -0.85 -2.27 -12.37
CA ALA A 114 0.21 -3.16 -12.84
C ALA A 114 -0.34 -4.55 -13.14
N ILE A 115 -1.26 -5.08 -12.31
CA ILE A 115 -1.73 -6.44 -12.58
C ILE A 115 -2.80 -6.49 -13.67
N ARG A 116 -3.54 -5.42 -13.89
CA ARG A 116 -4.73 -5.40 -14.73
C ARG A 116 -4.44 -4.99 -16.18
N ILE A 117 -3.52 -4.05 -16.38
CA ILE A 117 -3.10 -3.64 -17.71
C ILE A 117 -1.56 -3.65 -17.75
N PRO A 118 -0.94 -4.78 -17.48
CA PRO A 118 0.52 -4.79 -17.41
C PRO A 118 1.20 -4.26 -18.67
N LEU A 119 0.44 -4.31 -19.77
CA LEU A 119 0.99 -3.94 -21.07
C LEU A 119 1.26 -2.45 -21.15
N ARG A 120 0.34 -1.67 -20.61
CA ARG A 120 0.39 -0.22 -20.63
C ARG A 120 0.95 0.40 -19.36
N TYR A 121 1.42 -0.40 -18.39
CA TYR A 121 1.81 0.18 -17.11
C TYR A 121 3.03 1.09 -17.27
N ASN A 122 4.06 0.64 -17.99
CA ASN A 122 5.24 1.47 -18.21
C ASN A 122 4.89 2.79 -18.88
N GLY A 123 3.96 2.77 -19.84
CA GLY A 123 3.61 3.98 -20.54
C GLY A 123 2.65 4.89 -19.79
N LEU A 124 1.86 4.33 -18.88
CA LEU A 124 0.92 5.11 -18.08
C LEU A 124 1.55 5.61 -16.78
N VAL A 125 2.18 4.74 -16.01
CA VAL A 125 2.74 5.08 -14.72
C VAL A 125 4.25 5.26 -14.90
N THR A 126 4.64 6.52 -15.04
CA THR A 126 6.03 6.88 -15.25
C THR A 126 6.57 7.67 -14.07
N GLY A 127 7.89 7.74 -14.03
CA GLY A 127 8.55 8.39 -12.93
C GLY A 127 8.12 9.82 -12.79
N THR A 128 7.76 10.46 -13.90
CA THR A 128 7.47 11.89 -13.87
C THR A 128 6.06 12.17 -13.38
N ARG A 129 5.12 11.32 -13.78
CA ARG A 129 3.77 11.47 -13.28
C ARG A 129 3.70 11.07 -11.81
N ALA A 130 4.37 9.99 -11.43
CA ALA A 130 4.47 9.65 -10.01
C ALA A 130 4.86 10.87 -9.17
N LYS A 131 5.94 11.55 -9.54
CA LYS A 131 6.45 12.65 -8.73
C LYS A 131 5.52 13.85 -8.73
N GLY A 132 4.73 14.02 -9.79
CA GLY A 132 3.73 15.05 -9.76
C GLY A 132 2.57 14.70 -8.86
N ILE A 133 2.23 13.41 -8.78
CA ILE A 133 1.15 13.00 -7.89
C ILE A 133 1.60 13.15 -6.45
N ILE A 134 2.85 12.81 -6.15
CA ILE A 134 3.39 12.92 -4.80
C ILE A 134 3.36 14.37 -4.34
N ALA A 135 3.82 15.30 -5.19
CA ALA A 135 3.79 16.73 -4.87
C ALA A 135 2.37 17.22 -4.62
N ILE A 136 1.42 16.81 -5.46
CA ILE A 136 0.05 17.24 -5.29
C ILE A 136 -0.52 16.75 -3.97
N CYS A 137 -0.20 15.51 -3.61
CA CYS A 137 -0.75 14.90 -2.42
C CYS A 137 -0.20 15.55 -1.17
N TRP A 138 1.06 15.98 -1.22
CA TRP A 138 1.66 16.67 -0.07
C TRP A 138 1.01 18.03 0.15
N VAL A 139 0.68 18.73 -0.95
CA VAL A 139 -0.09 19.98 -0.87
C VAL A 139 -1.51 19.75 -0.36
N LEU A 140 -2.17 18.69 -0.83
CA LEU A 140 -3.47 18.36 -0.28
C LEU A 140 -3.40 17.95 1.18
N SER A 141 -2.27 17.38 1.62
CA SER A 141 -2.19 16.92 2.99
C SER A 141 -2.06 18.10 3.92
N PHE A 142 -1.24 19.10 3.53
CA PHE A 142 -1.16 20.37 4.26
C PHE A 142 -2.51 21.10 4.33
N ALA A 143 -3.21 21.20 3.20
CA ALA A 143 -4.56 21.75 3.22
C ALA A 143 -5.51 20.97 4.14
N ILE A 144 -5.63 19.66 3.96
CA ILE A 144 -6.52 18.88 4.82
C ILE A 144 -6.06 18.96 6.28
N GLY A 145 -4.78 18.70 6.51
CA GLY A 145 -4.34 18.60 7.88
C GLY A 145 -4.42 19.90 8.67
N LEU A 146 -4.26 21.04 7.98
CA LEU A 146 -4.30 22.35 8.64
C LEU A 146 -5.60 23.12 8.41
N THR A 147 -6.63 22.47 7.89
CA THR A 147 -7.96 23.05 7.81
C THR A 147 -8.40 23.69 9.13
N PRO A 148 -8.08 23.15 10.32
CA PRO A 148 -8.52 23.86 11.53
C PRO A 148 -7.98 25.26 11.61
N MET A 149 -6.78 25.47 11.06
N MET A 149 -6.76 25.47 11.09
CA MET A 149 -6.19 26.81 11.10
CA MET A 149 -6.19 26.82 11.08
C MET A 149 -7.01 27.81 10.32
C MET A 149 -7.15 27.80 10.45
N LEU A 150 -7.85 27.38 9.40
CA LEU A 150 -8.68 28.33 8.66
C LEU A 150 -9.95 28.72 9.40
N GLY A 151 -10.16 28.19 10.59
CA GLY A 151 -11.24 28.67 11.43
C GLY A 151 -12.11 27.58 12.01
N TRP A 152 -11.88 26.32 11.64
CA TRP A 152 -12.60 25.22 12.26
C TRP A 152 -11.83 24.78 13.51
N ASN A 153 -11.87 25.66 14.51
CA ASN A 153 -11.09 25.41 15.72
C ASN A 153 -11.83 26.01 16.91
N ASN A 154 -11.27 25.80 18.09
CA ASN A 154 -11.90 26.26 19.31
C ASN A 154 -11.21 27.50 19.85
N CYS A 155 -10.45 28.17 18.99
CA CYS A 155 -9.70 29.35 19.42
C CYS A 155 -10.63 30.44 19.84
N GLY A 156 -11.82 30.44 19.29
CA GLY A 156 -12.79 31.46 19.59
C GLY A 156 -13.49 31.26 20.89
N GLN A 157 -13.25 30.15 21.58
CA GLN A 157 -13.82 29.94 22.91
C GLN A 157 -12.79 29.31 23.85
N PRO A 158 -11.74 30.06 24.18
CA PRO A 158 -10.71 29.52 25.07
C PRO A 158 -11.21 29.16 26.46
N LYS A 159 -10.65 28.08 27.01
CA LYS A 159 -10.76 27.74 28.42
C LYS A 159 -9.97 28.74 29.23
N GLU A 160 -10.61 29.80 29.69
CA GLU A 160 -9.86 30.90 30.30
C GLU A 160 -9.63 30.69 31.80
N GLY A 161 -10.56 30.04 32.51
CA GLY A 161 -10.25 29.59 33.86
C GLY A 161 -8.99 28.73 33.89
N LYS A 162 -8.84 27.84 32.92
CA LYS A 162 -7.64 27.04 32.81
C LYS A 162 -6.44 27.84 32.31
N ALA A 163 -6.62 28.95 31.59
CA ALA A 163 -5.45 29.72 31.15
C ALA A 163 -4.93 30.63 32.26
N HIS A 164 -5.83 31.17 33.10
CA HIS A 164 -5.40 31.97 34.25
C HIS A 164 -4.81 31.08 35.33
N SER A 165 -5.42 29.92 35.57
CA SER A 165 -4.80 28.98 36.49
C SER A 165 -3.33 28.74 36.15
N GLN A 166 -2.93 28.92 34.90
CA GLN A 166 -1.55 28.68 34.51
C GLN A 166 -0.77 29.94 34.23
N GLY A 167 -1.36 31.11 34.46
CA GLY A 167 -0.63 32.34 34.23
C GLY A 167 -0.39 32.63 32.78
N CYS A 168 -1.20 32.12 31.90
CA CYS A 168 -0.96 32.39 30.50
C CYS A 168 -1.09 33.89 30.23
N GLY A 169 -0.26 34.39 29.35
CA GLY A 169 -0.39 35.76 28.94
C GLY A 169 -1.78 36.00 28.44
N GLU A 170 -2.14 37.26 28.32
CA GLU A 170 -3.41 37.60 27.72
C GLU A 170 -3.26 37.40 26.22
N GLY A 171 -4.17 36.63 25.65
CA GLY A 171 -4.09 36.16 24.28
C GLY A 171 -3.80 34.66 24.16
N GLN A 172 -3.62 33.98 25.27
CA GLN A 172 -3.02 32.66 25.23
C GLN A 172 -3.96 31.63 25.82
N VAL A 173 -3.62 30.38 25.56
CA VAL A 173 -4.32 29.24 26.09
C VAL A 173 -3.31 28.27 26.68
N ALA A 174 -3.75 27.49 27.64
CA ALA A 174 -3.08 26.23 27.87
C ALA A 174 -3.14 25.49 26.54
N CYS A 175 -1.98 25.09 26.04
CA CYS A 175 -1.91 24.49 24.72
C CYS A 175 -2.12 22.99 24.86
N LEU A 176 -3.36 22.55 24.65
CA LEU A 176 -3.78 21.16 24.72
C LEU A 176 -4.55 20.82 23.46
N PHE A 177 -4.34 19.61 22.95
CA PHE A 177 -4.99 19.20 21.71
C PHE A 177 -6.51 19.23 21.82
N GLU A 178 -7.09 18.63 22.85
CA GLU A 178 -8.55 18.54 22.83
C GLU A 178 -9.19 19.89 23.14
N ASP A 179 -8.42 20.91 23.49
CA ASP A 179 -8.90 22.26 23.76
C ASP A 179 -8.92 23.20 22.54
N VAL A 180 -8.01 23.03 21.58
CA VAL A 180 -8.00 23.89 20.38
C VAL A 180 -8.55 23.21 19.13
N VAL A 181 -8.42 21.90 18.97
CA VAL A 181 -8.91 21.19 17.78
C VAL A 181 -10.34 20.68 18.07
N PRO A 182 -11.33 21.05 17.24
CA PRO A 182 -12.71 20.59 17.54
C PRO A 182 -12.87 19.09 17.33
N MET A 183 -13.68 18.47 18.19
CA MET A 183 -13.84 17.01 18.07
C MET A 183 -14.77 16.64 16.93
N ASN A 184 -15.60 17.55 16.40
CA ASN A 184 -16.31 17.17 15.19
C ASN A 184 -15.37 17.18 14.01
N TYR A 185 -14.30 17.99 14.03
CA TYR A 185 -13.29 17.92 12.96
C TYR A 185 -12.64 16.56 12.96
N MET A 186 -12.23 16.12 14.15
CA MET A 186 -11.45 14.90 14.29
C MET A 186 -12.26 13.64 13.97
N VAL A 187 -13.53 13.63 14.33
CA VAL A 187 -14.37 12.43 14.15
C VAL A 187 -14.93 12.36 12.73
N TYR A 188 -15.62 13.41 12.30
CA TYR A 188 -16.28 13.41 10.99
C TYR A 188 -15.30 13.65 9.85
N PHE A 189 -14.54 14.71 9.96
CA PHE A 189 -13.72 15.08 8.82
C PHE A 189 -12.45 14.24 8.75
N ASN A 190 -11.69 14.17 9.84
CA ASN A 190 -10.39 13.54 9.76
C ASN A 190 -10.49 12.02 9.82
N PHE A 191 -11.22 11.47 10.80
CA PHE A 191 -11.38 10.03 10.83
C PHE A 191 -12.30 9.45 9.73
N PHE A 192 -13.60 9.78 9.77
CA PHE A 192 -14.51 9.14 8.84
C PHE A 192 -14.14 9.46 7.40
N ALA A 193 -13.95 10.74 7.08
CA ALA A 193 -13.74 11.04 5.67
C ALA A 193 -12.31 10.99 5.17
N CYS A 194 -11.28 11.34 5.97
CA CYS A 194 -9.93 11.40 5.40
C CYS A 194 -9.04 10.21 5.74
N VAL A 195 -9.44 9.41 6.70
CA VAL A 195 -8.76 8.16 7.04
C VAL A 195 -9.61 6.94 6.66
N LEU A 196 -10.79 6.79 7.24
CA LEU A 196 -11.56 5.56 7.15
C LEU A 196 -12.00 5.29 5.72
N VAL A 197 -12.54 6.29 5.05
CA VAL A 197 -12.91 6.12 3.63
C VAL A 197 -11.73 5.75 2.79
N PRO A 198 -10.56 6.39 2.89
CA PRO A 198 -9.41 5.92 2.12
C PRO A 198 -9.01 4.50 2.44
N LEU A 199 -9.11 4.08 3.70
CA LEU A 199 -8.71 2.71 4.03
C LEU A 199 -9.62 1.71 3.36
N LEU A 200 -10.94 1.92 3.47
CA LEU A 200 -11.91 1.05 2.81
C LEU A 200 -11.64 0.94 1.31
N LEU A 201 -11.48 2.08 0.66
CA LEU A 201 -11.01 2.12 -0.72
C LEU A 201 -9.80 1.24 -0.93
N MET A 202 -8.71 1.53 -0.20
CA MET A 202 -7.52 0.73 -0.33
C MET A 202 -7.87 -0.73 -0.16
N LEU A 203 -8.84 -1.03 0.70
CA LEU A 203 -9.23 -2.42 0.92
C LEU A 203 -9.87 -3.00 -0.33
N GLY A 204 -10.72 -2.25 -1.01
CA GLY A 204 -11.29 -2.76 -2.24
C GLY A 204 -10.24 -2.99 -3.31
N VAL A 205 -9.40 -2.00 -3.56
CA VAL A 205 -8.38 -2.17 -4.58
C VAL A 205 -7.66 -3.50 -4.40
N TYR A 206 -7.28 -3.83 -3.18
CA TYR A 206 -6.50 -5.04 -2.97
C TYR A 206 -7.38 -6.27 -3.17
N LEU A 207 -8.69 -6.18 -2.94
CA LEU A 207 -9.58 -7.28 -3.29
C LEU A 207 -9.51 -7.49 -4.79
N ARG A 208 -9.60 -6.37 -5.54
CA ARG A 208 -9.58 -6.46 -6.99
C ARG A 208 -8.27 -7.04 -7.49
N ILE A 209 -7.16 -6.72 -6.82
CA ILE A 209 -5.86 -7.25 -7.25
C ILE A 209 -5.82 -8.76 -7.06
N PHE A 210 -6.17 -9.22 -5.87
CA PHE A 210 -6.19 -10.66 -5.62
C PHE A 210 -7.19 -11.39 -6.51
N LEU A 211 -8.30 -10.74 -6.88
CA LEU A 211 -9.23 -11.38 -7.80
C LEU A 211 -8.68 -11.44 -9.21
N ALA A 212 -8.14 -10.33 -9.71
CA ALA A 212 -7.57 -10.36 -11.05
C ALA A 212 -6.39 -11.35 -11.15
N ALA A 213 -5.55 -11.44 -10.10
CA ALA A 213 -4.53 -12.48 -10.12
C ALA A 213 -5.16 -13.86 -10.08
N ARG A 214 -6.12 -14.06 -9.17
CA ARG A 214 -6.81 -15.35 -9.08
C ARG A 214 -7.45 -15.71 -10.41
N ARG A 215 -7.97 -14.72 -11.13
CA ARG A 215 -8.63 -15.04 -12.40
C ARG A 215 -7.62 -15.29 -13.51
N GLN A 216 -6.58 -14.48 -13.57
CA GLN A 216 -5.59 -14.63 -14.62
C GLN A 216 -4.90 -15.98 -14.54
N LEU A 217 -4.53 -16.41 -13.34
CA LEU A 217 -3.95 -17.73 -13.15
C LEU A 217 -4.91 -18.82 -13.59
N ALA A 218 -6.21 -18.62 -13.35
CA ALA A 218 -7.24 -19.55 -13.77
C ALA A 218 -7.27 -19.71 -15.29
N ASP A 219 -7.52 -18.60 -16.00
CA ASP A 219 -7.38 -18.58 -17.44
C ASP A 219 -6.13 -19.34 -17.89
N LEU A 220 -4.98 -19.02 -17.30
CA LEU A 220 -3.75 -19.61 -17.80
C LEU A 220 -3.81 -21.12 -17.73
N GLU A 221 -4.17 -21.68 -16.57
CA GLU A 221 -4.19 -23.13 -16.44
C GLU A 221 -5.40 -23.75 -17.12
N ASP A 222 -6.44 -22.95 -17.44
CA ASP A 222 -7.50 -23.43 -18.31
C ASP A 222 -6.94 -23.71 -19.69
N ASN A 223 -6.56 -22.64 -20.39
CA ASN A 223 -5.89 -22.69 -21.69
C ASN A 223 -4.97 -23.91 -21.78
N TRP A 224 -4.08 -24.08 -20.80
CA TRP A 224 -3.18 -25.23 -20.76
C TRP A 224 -3.96 -26.52 -20.97
N GLU A 225 -5.11 -26.62 -20.33
CA GLU A 225 -5.84 -27.87 -20.37
C GLU A 225 -6.63 -28.01 -21.66
N THR A 226 -7.09 -26.90 -22.24
CA THR A 226 -7.60 -26.97 -23.61
C THR A 226 -6.52 -27.51 -24.56
N LEU A 227 -5.31 -27.03 -24.40
CA LEU A 227 -4.23 -27.43 -25.29
C LEU A 227 -4.07 -28.94 -25.28
N ASN A 228 -4.12 -29.53 -24.08
CA ASN A 228 -3.82 -30.94 -23.86
C ASN A 228 -5.04 -31.85 -23.97
N ASP A 229 -6.24 -31.35 -23.72
CA ASP A 229 -7.40 -32.21 -23.91
C ASP A 229 -7.78 -32.32 -25.38
N ASN A 230 -7.64 -31.23 -26.12
CA ASN A 230 -7.77 -31.30 -27.57
C ASN A 230 -6.69 -32.18 -28.21
N LEU A 231 -5.54 -32.35 -27.59
CA LEU A 231 -4.60 -33.33 -28.15
C LEU A 231 -5.14 -34.74 -27.94
N LYS A 232 -5.74 -34.99 -26.77
CA LYS A 232 -6.33 -36.28 -26.50
C LYS A 232 -7.46 -36.59 -27.46
N VAL A 233 -8.33 -35.61 -27.73
CA VAL A 233 -9.40 -35.82 -28.71
C VAL A 233 -8.82 -36.30 -30.03
N ILE A 234 -7.61 -35.87 -30.37
CA ILE A 234 -7.07 -36.15 -31.69
C ILE A 234 -6.48 -37.56 -31.73
N GLU A 235 -5.65 -37.92 -30.75
CA GLU A 235 -5.16 -39.29 -30.72
C GLU A 235 -6.29 -40.30 -30.82
N LYS A 236 -7.47 -39.97 -30.30
CA LYS A 236 -8.52 -40.95 -30.03
C LYS A 236 -9.73 -40.75 -30.92
N ALA A 237 -9.59 -39.99 -31.99
CA ALA A 237 -10.59 -39.95 -33.04
C ALA A 237 -10.31 -41.05 -34.08
N ASP A 238 -11.31 -41.31 -34.94
CA ASP A 238 -11.10 -42.11 -36.15
C ASP A 238 -11.86 -41.47 -37.32
N ASN A 239 -12.14 -40.16 -37.23
CA ASN A 239 -12.98 -39.41 -38.16
C ASN A 239 -12.34 -38.06 -38.44
N ALA A 240 -12.39 -37.60 -39.70
CA ALA A 240 -11.55 -36.46 -40.11
C ALA A 240 -12.08 -35.12 -39.65
N ALA A 241 -13.39 -34.97 -39.45
CA ALA A 241 -13.93 -33.70 -39.00
C ALA A 241 -13.90 -33.56 -37.49
N GLN A 242 -13.69 -34.66 -36.76
CA GLN A 242 -13.36 -34.56 -35.34
C GLN A 242 -12.06 -33.81 -35.15
N VAL A 243 -11.04 -34.24 -35.89
CA VAL A 243 -9.72 -33.65 -35.76
C VAL A 243 -9.78 -32.17 -36.12
N LYS A 244 -10.47 -31.82 -37.21
CA LYS A 244 -10.62 -30.41 -37.54
C LYS A 244 -11.25 -29.63 -36.40
N ASP A 245 -12.35 -30.15 -35.84
CA ASP A 245 -13.02 -29.40 -34.78
C ASP A 245 -12.06 -29.13 -33.62
N ALA A 246 -11.28 -30.13 -33.19
CA ALA A 246 -10.40 -29.96 -32.04
C ALA A 246 -9.19 -29.07 -32.32
N LEU A 247 -8.85 -28.82 -33.58
CA LEU A 247 -7.70 -27.98 -33.90
C LEU A 247 -8.09 -26.53 -34.14
N THR A 248 -9.31 -26.29 -34.60
CA THR A 248 -9.85 -24.94 -34.57
C THR A 248 -9.90 -24.41 -33.13
N LYS A 249 -10.16 -25.30 -32.18
CA LYS A 249 -10.19 -24.90 -30.79
C LYS A 249 -8.78 -24.69 -30.26
N MET A 250 -7.87 -25.65 -30.53
CA MET A 250 -6.48 -25.48 -30.14
C MET A 250 -5.92 -24.16 -30.65
N ARG A 251 -6.18 -23.87 -31.92
CA ARG A 251 -5.65 -22.66 -32.54
C ARG A 251 -6.11 -21.40 -31.81
N ALA A 252 -7.43 -21.27 -31.59
CA ALA A 252 -7.95 -20.12 -30.87
C ALA A 252 -7.34 -20.00 -29.47
N ALA A 253 -7.20 -21.13 -28.75
CA ALA A 253 -6.63 -21.15 -27.40
C ALA A 253 -5.18 -20.93 -27.39
N ALA A 254 -4.60 -20.63 -28.56
CA ALA A 254 -3.18 -20.34 -28.74
C ALA A 254 -2.93 -18.88 -29.07
N LEU A 255 -3.78 -18.27 -29.91
CA LEU A 255 -3.72 -16.83 -30.14
C LEU A 255 -4.22 -16.09 -28.92
N ASP A 256 -5.08 -16.73 -28.13
CA ASP A 256 -5.48 -16.26 -26.82
C ASP A 256 -4.25 -16.14 -25.93
N ALA A 257 -3.72 -17.28 -25.48
CA ALA A 257 -2.58 -17.29 -24.56
C ALA A 257 -1.36 -16.54 -25.10
N GLN A 258 -1.30 -16.31 -26.40
CA GLN A 258 -0.25 -15.44 -26.94
C GLN A 258 -0.28 -14.09 -26.28
N LYS A 259 -1.48 -13.55 -26.10
CA LYS A 259 -1.67 -12.22 -25.57
C LYS A 259 -1.91 -12.27 -24.07
N ASP A 277 12.71 -15.68 -27.35
CA ASP A 277 12.41 -17.09 -27.58
C ASP A 277 10.91 -17.31 -27.50
N PHE A 278 10.21 -16.42 -26.80
CA PHE A 278 8.79 -16.58 -26.55
C PHE A 278 8.03 -16.85 -27.85
N ARG A 279 8.16 -15.94 -28.82
CA ARG A 279 7.24 -15.97 -29.94
C ARG A 279 7.51 -17.11 -30.90
N HIS A 280 8.77 -17.59 -31.00
CA HIS A 280 9.05 -18.71 -31.89
C HIS A 280 8.39 -19.99 -31.37
N GLY A 281 8.01 -20.03 -30.10
CA GLY A 281 7.21 -21.14 -29.61
C GLY A 281 5.80 -21.12 -30.17
N PHE A 282 5.16 -19.95 -30.19
CA PHE A 282 3.82 -19.88 -30.71
C PHE A 282 3.78 -19.82 -32.23
N ASP A 283 4.78 -19.18 -32.86
CA ASP A 283 4.99 -19.33 -34.29
C ASP A 283 4.95 -20.80 -34.68
N ILE A 284 5.88 -21.59 -34.15
CA ILE A 284 5.88 -23.02 -34.42
C ILE A 284 4.47 -23.57 -34.19
N LEU A 285 3.92 -23.30 -33.01
CA LEU A 285 2.76 -24.02 -32.50
C LEU A 285 1.54 -23.82 -33.36
N VAL A 286 1.24 -22.57 -33.65
CA VAL A 286 0.16 -22.29 -34.57
C VAL A 286 0.50 -22.79 -35.95
N GLY A 287 1.79 -22.84 -36.30
CA GLY A 287 2.14 -23.34 -37.62
C GLY A 287 1.78 -24.78 -37.76
N GLN A 288 2.16 -25.59 -36.78
CA GLN A 288 1.88 -27.02 -36.81
C GLN A 288 0.40 -27.29 -36.76
N ILE A 289 -0.37 -26.41 -36.11
CA ILE A 289 -1.82 -26.53 -36.09
C ILE A 289 -2.40 -26.17 -37.44
N ASP A 290 -1.79 -25.17 -38.12
CA ASP A 290 -2.17 -24.84 -39.49
C ASP A 290 -1.75 -25.95 -40.45
N ASP A 291 -0.66 -26.66 -40.14
CA ASP A 291 -0.28 -27.84 -40.91
C ASP A 291 -1.33 -28.94 -40.75
N ALA A 292 -1.67 -29.25 -39.50
CA ALA A 292 -2.52 -30.39 -39.24
C ALA A 292 -3.98 -30.10 -39.58
N LEU A 293 -4.46 -28.89 -39.29
CA LEU A 293 -5.79 -28.51 -39.75
C LEU A 293 -5.93 -28.80 -41.24
N LYS A 294 -4.87 -28.59 -41.97
CA LYS A 294 -4.99 -28.58 -43.42
C LYS A 294 -5.01 -30.00 -43.97
N LEU A 295 -4.17 -30.87 -43.41
CA LEU A 295 -4.36 -32.29 -43.65
C LEU A 295 -5.80 -32.68 -43.36
N ALA A 296 -6.35 -32.25 -42.21
CA ALA A 296 -7.68 -32.74 -41.81
C ALA A 296 -8.80 -32.22 -42.72
N ASN A 297 -8.64 -31.04 -43.31
CA ASN A 297 -9.59 -30.54 -44.30
C ASN A 297 -9.35 -31.15 -45.67
N GLU A 298 -8.68 -32.29 -45.70
CA GLU A 298 -8.47 -33.09 -46.88
C GLU A 298 -8.95 -34.52 -46.66
N GLY A 299 -9.24 -34.90 -45.43
CA GLY A 299 -9.66 -36.24 -45.13
C GLY A 299 -8.57 -37.15 -44.62
N LYS A 300 -7.30 -36.74 -44.73
CA LYS A 300 -6.21 -37.54 -44.21
C LYS A 300 -6.22 -37.56 -42.68
N VAL A 301 -7.00 -38.44 -42.08
CA VAL A 301 -7.14 -38.44 -40.63
C VAL A 301 -5.82 -38.83 -39.98
N LYS A 302 -5.31 -40.04 -40.29
CA LYS A 302 -4.07 -40.49 -39.65
C LYS A 302 -2.92 -39.51 -39.92
N GLU A 303 -2.85 -38.94 -41.12
CA GLU A 303 -1.76 -38.00 -41.41
C GLU A 303 -1.83 -36.78 -40.49
N ALA A 304 -3.04 -36.36 -40.10
CA ALA A 304 -3.21 -35.19 -39.25
C ALA A 304 -3.08 -35.53 -37.78
N GLN A 305 -3.43 -36.76 -37.37
CA GLN A 305 -3.24 -37.14 -35.97
C GLN A 305 -1.76 -37.24 -35.61
N ALA A 306 -0.93 -37.62 -36.56
CA ALA A 306 0.50 -37.65 -36.31
C ALA A 306 1.16 -36.31 -36.59
N ALA A 307 0.45 -35.41 -37.28
CA ALA A 307 0.91 -34.03 -37.36
C ALA A 307 0.64 -33.30 -36.06
N ALA A 308 -0.51 -33.55 -35.45
CA ALA A 308 -0.90 -32.94 -34.19
C ALA A 308 -0.19 -33.58 -33.01
N GLU A 309 0.69 -34.55 -33.25
CA GLU A 309 1.64 -34.95 -32.23
C GLU A 309 2.89 -34.10 -32.23
N GLN A 310 3.33 -33.63 -33.42
CA GLN A 310 4.43 -32.68 -33.48
C GLN A 310 4.21 -31.52 -32.51
N LEU A 311 2.96 -31.17 -32.22
CA LEU A 311 2.70 -30.11 -31.26
C LEU A 311 3.29 -30.44 -29.91
N LYS A 312 3.18 -31.70 -29.48
CA LYS A 312 3.57 -32.04 -28.12
C LYS A 312 5.05 -31.78 -27.88
N THR A 313 5.87 -32.04 -28.87
CA THR A 313 7.28 -31.68 -28.71
C THR A 313 7.44 -30.18 -28.57
N THR A 314 6.46 -29.40 -29.01
CA THR A 314 6.51 -27.95 -28.96
C THR A 314 5.96 -27.41 -27.65
N ARG A 315 4.85 -27.97 -27.18
CA ARG A 315 4.41 -27.71 -25.82
C ARG A 315 5.53 -28.00 -24.84
N ASN A 316 6.06 -29.22 -24.87
CA ASN A 316 7.06 -29.60 -23.89
C ASN A 316 8.21 -28.61 -23.85
N ALA A 317 8.64 -28.12 -25.00
CA ALA A 317 9.86 -27.32 -25.06
C ALA A 317 9.63 -25.83 -24.96
N TYR A 318 8.40 -25.35 -25.14
CA TYR A 318 8.15 -23.90 -25.19
C TYR A 318 6.97 -23.50 -24.32
N ILE A 319 5.82 -24.15 -24.55
CA ILE A 319 4.57 -23.71 -23.94
C ILE A 319 4.55 -23.96 -22.44
N GLN A 320 4.97 -25.15 -22.01
CA GLN A 320 5.07 -25.37 -20.58
C GLN A 320 5.94 -24.32 -19.91
N LYS A 321 6.96 -23.81 -20.62
CA LYS A 321 7.85 -22.85 -20.02
C LYS A 321 7.32 -21.43 -20.09
N TYR A 322 6.40 -21.11 -21.01
CA TYR A 322 5.69 -19.84 -20.85
C TYR A 322 4.63 -19.92 -19.75
N LEU A 323 3.84 -21.02 -19.72
CA LEU A 323 2.92 -21.32 -18.61
C LEU A 323 3.60 -20.96 -17.30
N GLU A 324 4.87 -21.29 -17.20
CA GLU A 324 5.44 -21.34 -15.86
C GLU A 324 6.06 -20.03 -15.47
N ARG A 325 6.67 -19.30 -16.42
CA ARG A 325 7.15 -17.98 -16.04
C ARG A 325 5.98 -17.03 -15.82
N ALA A 326 4.87 -17.25 -16.52
CA ALA A 326 3.69 -16.41 -16.34
C ALA A 326 3.00 -16.70 -14.99
N ARG A 327 2.95 -17.96 -14.56
CA ARG A 327 2.46 -18.25 -13.21
C ARG A 327 3.40 -17.66 -12.18
N SER A 328 4.70 -17.66 -12.49
CA SER A 328 5.70 -17.18 -11.54
C SER A 328 5.50 -15.71 -11.24
N THR A 329 5.20 -14.93 -12.28
CA THR A 329 5.08 -13.48 -12.11
C THR A 329 3.82 -13.13 -11.36
N LEU A 330 2.73 -13.85 -11.67
CA LEU A 330 1.48 -13.63 -10.95
C LEU A 330 1.62 -14.00 -9.48
N GLN A 331 2.27 -15.13 -9.18
CA GLN A 331 2.44 -15.44 -7.76
C GLN A 331 3.33 -14.38 -7.10
N LYS A 332 4.22 -13.77 -7.86
CA LYS A 332 5.03 -12.69 -7.31
C LYS A 332 4.22 -11.42 -7.13
N GLU A 333 3.37 -11.06 -8.09
CA GLU A 333 2.49 -9.91 -7.85
C GLU A 333 1.63 -10.16 -6.61
N VAL A 334 1.03 -11.35 -6.49
CA VAL A 334 0.13 -11.63 -5.37
C VAL A 334 0.85 -11.46 -4.05
N HIS A 335 2.05 -12.00 -3.96
CA HIS A 335 2.82 -11.96 -2.72
C HIS A 335 3.25 -10.55 -2.42
N ALA A 336 3.53 -9.78 -3.45
CA ALA A 336 3.90 -8.39 -3.24
C ALA A 336 2.71 -7.59 -2.71
N ALA A 337 1.55 -7.72 -3.34
CA ALA A 337 0.40 -7.01 -2.82
C ALA A 337 -0.06 -7.50 -1.45
N LYS A 338 0.31 -8.72 -1.01
CA LYS A 338 0.00 -9.08 0.37
C LYS A 338 0.94 -8.35 1.34
N SER A 339 2.23 -8.27 0.99
CA SER A 339 3.18 -7.45 1.73
C SER A 339 2.69 -6.00 1.88
N LEU A 340 2.23 -5.42 0.77
CA LEU A 340 1.79 -4.03 0.84
C LEU A 340 0.48 -3.89 1.61
N ALA A 341 -0.38 -4.91 1.55
CA ALA A 341 -1.62 -4.82 2.29
C ALA A 341 -1.37 -4.95 3.77
N ILE A 342 -0.30 -5.64 4.13
CA ILE A 342 0.07 -5.70 5.53
C ILE A 342 0.48 -4.31 6.02
N ILE A 343 1.16 -3.54 5.18
N ILE A 343 1.16 -3.54 5.18
CA ILE A 343 1.52 -2.19 5.58
CA ILE A 343 1.53 -2.19 5.57
C ILE A 343 0.28 -1.40 5.93
C ILE A 343 0.29 -1.38 5.90
N VAL A 344 -0.83 -1.66 5.20
CA VAL A 344 -2.08 -0.90 5.41
C VAL A 344 -2.86 -1.44 6.61
N GLY A 345 -2.74 -2.73 6.90
CA GLY A 345 -3.45 -3.25 8.04
C GLY A 345 -2.82 -2.84 9.35
N LEU A 346 -1.51 -2.62 9.34
CA LEU A 346 -0.77 -2.12 10.50
C LEU A 346 -0.93 -0.64 10.69
N PHE A 347 -1.03 0.12 9.61
CA PHE A 347 -1.50 1.49 9.75
C PHE A 347 -2.83 1.51 10.50
N ALA A 348 -3.77 0.66 10.06
CA ALA A 348 -5.09 0.67 10.66
C ALA A 348 -5.02 0.32 12.14
N LEU A 349 -4.26 -0.69 12.47
CA LEU A 349 -4.17 -1.15 13.86
C LEU A 349 -3.56 -0.09 14.78
N CYS A 350 -2.51 0.60 14.29
CA CYS A 350 -1.80 1.59 15.08
C CYS A 350 -2.62 2.85 15.33
N TRP A 351 -3.46 3.24 14.37
CA TRP A 351 -4.22 4.49 14.43
C TRP A 351 -5.64 4.33 14.91
N LEU A 352 -6.23 3.16 14.79
CA LEU A 352 -7.64 3.04 15.08
C LEU A 352 -7.98 3.26 16.55
N PRO A 353 -7.18 2.75 17.48
CA PRO A 353 -7.51 2.98 18.88
C PRO A 353 -7.77 4.45 19.16
N LEU A 354 -6.88 5.30 18.66
CA LEU A 354 -6.97 6.71 19.01
C LEU A 354 -8.26 7.30 18.46
N HIS A 355 -8.56 7.02 17.19
CA HIS A 355 -9.83 7.49 16.65
C HIS A 355 -10.99 6.89 17.42
N ILE A 356 -10.87 5.61 17.80
CA ILE A 356 -12.01 4.94 18.42
C ILE A 356 -12.30 5.57 19.77
N ILE A 357 -11.25 6.09 20.43
CA ILE A 357 -11.43 6.80 21.69
C ILE A 357 -12.04 8.19 21.46
N ASN A 358 -11.68 8.85 20.36
CA ASN A 358 -12.31 10.12 20.08
C ASN A 358 -13.80 9.96 19.78
N CYS A 359 -14.15 8.91 19.06
CA CYS A 359 -15.55 8.57 18.84
C CYS A 359 -16.34 8.48 20.13
N PHE A 360 -15.78 7.80 21.14
CA PHE A 360 -16.43 7.71 22.44
C PHE A 360 -16.56 9.08 23.10
N THR A 361 -15.48 9.87 23.06
CA THR A 361 -15.50 11.17 23.72
C THR A 361 -16.59 12.05 23.17
N PHE A 362 -16.83 11.96 21.88
CA PHE A 362 -17.72 12.81 21.11
C PHE A 362 -19.15 12.30 21.08
N PHE A 363 -19.33 11.02 20.79
CA PHE A 363 -20.63 10.41 20.59
C PHE A 363 -21.28 9.97 21.89
N CYS A 364 -20.48 9.71 22.95
CA CYS A 364 -20.97 9.42 24.31
C CYS A 364 -20.43 10.44 25.33
N PRO A 365 -21.02 11.63 25.39
CA PRO A 365 -20.71 12.54 26.49
C PRO A 365 -21.25 12.07 27.84
N ASP A 366 -22.02 10.98 27.90
CA ASP A 366 -22.36 10.41 29.19
C ASP A 366 -21.25 9.53 29.76
N CYS A 367 -20.30 9.12 28.93
CA CYS A 367 -19.28 8.18 29.34
C CYS A 367 -18.12 8.97 29.94
N SER A 368 -17.53 8.42 30.99
CA SER A 368 -16.31 9.01 31.52
C SER A 368 -15.24 8.98 30.41
N HIS A 369 -14.57 10.10 30.24
CA HIS A 369 -13.45 10.18 29.33
C HIS A 369 -12.41 9.11 29.60
N ALA A 370 -11.87 8.54 28.54
CA ALA A 370 -10.79 7.57 28.71
C ALA A 370 -9.69 8.19 29.57
N PRO A 371 -9.07 7.40 30.45
CA PRO A 371 -8.09 7.98 31.38
C PRO A 371 -6.87 8.54 30.67
N LEU A 372 -6.19 9.45 31.35
CA LEU A 372 -4.97 10.01 30.76
C LEU A 372 -4.05 8.90 30.28
N TRP A 373 -3.75 7.90 31.12
CA TRP A 373 -2.76 6.91 30.73
C TRP A 373 -3.10 6.24 29.40
N LEU A 374 -4.39 6.03 29.13
CA LEU A 374 -4.76 5.33 27.89
C LEU A 374 -4.60 6.26 26.69
N MET A 375 -5.00 7.51 26.84
CA MET A 375 -4.70 8.52 25.83
C MET A 375 -3.23 8.46 25.46
N TYR A 376 -2.36 8.42 26.48
CA TYR A 376 -0.93 8.34 26.26
C TYR A 376 -0.58 7.13 25.43
N LEU A 377 -1.23 6.03 25.72
CA LEU A 377 -0.90 4.76 25.09
C LEU A 377 -1.42 4.70 23.66
N ALA A 378 -2.64 5.16 23.44
CA ALA A 378 -3.15 5.26 22.08
C ALA A 378 -2.26 6.16 21.23
N ILE A 379 -1.77 7.26 21.81
CA ILE A 379 -0.93 8.18 21.06
C ILE A 379 0.42 7.55 20.71
N VAL A 380 1.02 6.87 21.69
N VAL A 380 1.03 6.86 21.67
CA VAL A 380 2.30 6.18 21.50
CA VAL A 380 2.33 6.26 21.38
C VAL A 380 2.14 5.13 20.42
C VAL A 380 2.17 5.11 20.40
N LEU A 381 1.07 4.36 20.50
CA LEU A 381 0.83 3.32 19.50
C LEU A 381 0.72 3.94 18.12
N SER A 382 -0.01 5.02 18.01
CA SER A 382 -0.16 5.63 16.71
C SER A 382 1.19 6.01 16.12
N HIS A 383 2.12 6.38 17.00
CA HIS A 383 3.47 6.81 16.61
C HIS A 383 4.37 5.63 16.27
N THR A 384 4.13 4.45 16.88
CA THR A 384 4.93 3.28 16.55
C THR A 384 4.77 2.85 15.10
N ASN A 385 3.63 3.14 14.48
CA ASN A 385 3.52 2.88 13.05
C ASN A 385 4.70 3.46 12.27
N SER A 386 5.31 4.52 12.77
CA SER A 386 6.46 5.07 12.08
C SER A 386 7.72 4.23 12.24
N VAL A 387 7.65 3.12 12.97
CA VAL A 387 8.75 2.18 13.06
C VAL A 387 8.47 0.89 12.29
N VAL A 388 7.22 0.58 11.92
CA VAL A 388 6.98 -0.75 11.39
C VAL A 388 7.36 -0.85 9.91
N ASN A 389 7.18 0.18 9.11
CA ASN A 389 7.30 -0.07 7.67
C ASN A 389 8.66 -0.64 7.35
N PRO A 390 9.77 -0.09 7.87
CA PRO A 390 11.09 -0.67 7.54
C PRO A 390 11.24 -2.14 7.89
N PHE A 391 10.69 -2.61 9.02
CA PHE A 391 10.73 -4.03 9.35
C PHE A 391 9.97 -4.86 8.33
N ILE A 392 8.84 -4.34 7.83
CA ILE A 392 8.04 -5.07 6.84
C ILE A 392 8.87 -5.33 5.57
N TYR A 393 9.42 -4.27 4.98
CA TYR A 393 10.23 -4.45 3.78
C TYR A 393 11.27 -5.54 4.00
N ALA A 394 11.95 -5.49 5.15
CA ALA A 394 13.08 -6.35 5.39
C ALA A 394 12.66 -7.77 5.55
N TYR A 395 11.47 -7.99 6.12
CA TYR A 395 11.01 -9.35 6.28
C TYR A 395 10.33 -9.83 5.00
N ARG A 396 9.79 -8.93 4.18
CA ARG A 396 8.97 -9.40 3.06
C ARG A 396 9.49 -9.11 1.66
N ILE A 397 10.46 -8.23 1.47
CA ILE A 397 10.89 -7.89 0.13
C ILE A 397 12.38 -8.19 0.00
N ARG A 398 12.69 -9.34 -0.62
CA ARG A 398 14.08 -9.79 -0.68
C ARG A 398 15.02 -8.69 -1.13
N GLU A 399 14.58 -7.87 -2.09
CA GLU A 399 15.45 -6.83 -2.61
C GLU A 399 15.73 -5.73 -1.58
N PHE A 400 14.77 -5.38 -0.71
CA PHE A 400 15.04 -4.40 0.33
C PHE A 400 15.93 -5.00 1.43
N ARG A 401 15.72 -6.27 1.77
CA ARG A 401 16.48 -6.91 2.85
C ARG A 401 17.93 -7.13 2.46
N GLN A 402 18.18 -7.63 1.25
CA GLN A 402 19.55 -7.67 0.75
C GLN A 402 20.18 -6.30 0.79
N THR A 403 19.42 -5.27 0.52
CA THR A 403 20.07 -3.98 0.47
C THR A 403 20.28 -3.44 1.86
N PHE A 404 19.42 -3.83 2.79
CA PHE A 404 19.64 -3.44 4.16
C PHE A 404 20.95 -4.06 4.66
N ARG A 405 21.24 -5.30 4.26
CA ARG A 405 22.45 -5.95 4.78
C ARG A 405 23.70 -5.26 4.26
N LYS A 406 23.75 -4.97 2.95
CA LYS A 406 24.91 -4.29 2.39
C LYS A 406 25.21 -3.00 3.14
N ILE A 407 24.20 -2.19 3.38
CA ILE A 407 24.41 -0.92 4.07
C ILE A 407 24.81 -1.16 5.52
N ILE A 408 24.19 -2.14 6.18
CA ILE A 408 24.44 -2.36 7.61
C ILE A 408 25.82 -2.96 7.81
N ARG A 409 26.25 -3.86 6.90
CA ARG A 409 27.57 -4.48 7.01
C ARG A 409 28.70 -3.53 6.62
N SER A 410 28.53 -2.75 5.55
CA SER A 410 29.58 -1.84 5.12
C SER A 410 29.81 -0.66 6.06
N HIS A 411 28.84 -0.27 6.88
CA HIS A 411 28.91 0.97 7.64
C HIS A 411 28.85 0.77 9.15
N VAL A 412 28.38 -0.38 9.61
CA VAL A 412 28.37 -0.71 11.03
C VAL A 412 28.82 -2.18 11.24
C1 CLR B . 5.20 28.98 20.44
C2 CLR B . 4.28 29.68 21.46
C3 CLR B . 3.62 30.88 20.83
C4 CLR B . 2.81 30.45 19.64
C5 CLR B . 3.66 29.71 18.63
C6 CLR B . 3.68 30.09 17.35
C7 CLR B . 4.51 29.47 16.28
C8 CLR B . 5.04 28.09 16.66
C9 CLR B . 5.54 28.09 18.11
C10 CLR B . 4.47 28.53 19.15
C11 CLR B . 6.23 26.76 18.45
C12 CLR B . 7.33 26.36 17.46
C13 CLR B . 6.85 26.35 15.99
C14 CLR B . 6.22 27.73 15.73
C15 CLR B . 6.02 27.75 14.21
C16 CLR B . 7.27 27.02 13.68
C17 CLR B . 7.94 26.34 14.89
C18 CLR B . 5.87 25.19 15.75
C19 CLR B . 3.51 27.38 19.51
C20 CLR B . 8.59 25.00 14.50
C21 CLR B . 9.45 24.39 15.58
C22 CLR B . 9.43 25.22 13.23
C23 CLR B . 10.39 24.10 12.89
C24 CLR B . 11.01 24.37 11.53
C25 CLR B . 11.88 23.28 10.96
C26 CLR B . 12.57 23.75 9.69
C27 CLR B . 12.88 22.80 12.02
O1 CLR B . 2.76 31.56 21.75
H11 CLR B . 6.02 29.65 20.18
H12 CLR B . 5.67 28.13 20.93
H21 CLR B . 3.54 28.99 21.84
H22 CLR B . 4.86 29.97 22.34
H3 CLR B . 4.40 31.57 20.54
H41 CLR B . 2.34 31.32 19.17
H42 CLR B . 1.97 29.83 19.95
H6 CLR B . 3.08 30.93 17.02
H71 CLR B . 5.31 30.17 16.03
H72 CLR B . 3.89 29.43 15.38
H8 CLR B . 4.24 27.36 16.56
H9 CLR B . 6.30 28.87 18.16
H111 CLR B . 5.48 25.97 18.49
H112 CLR B . 6.64 26.80 19.45
H121 CLR B . 8.18 27.03 17.57
H122 CLR B . 7.73 25.38 17.73
H14 CLR B . 6.97 28.48 15.94
H151 CLR B . 5.94 28.76 13.82
H152 CLR B . 5.09 27.26 13.92
H161 CLR B . 6.99 26.29 12.92
H162 CLR B . 7.94 27.72 13.19
H17 CLR B . 8.75 26.97 15.25
H181 CLR B . 6.28 24.22 16.02
H182 CLR B . 4.95 25.30 16.32
H183 CLR B . 5.57 25.12 14.71
H191 CLR B . 2.72 27.68 20.20
H192 CLR B . 4.00 26.54 19.98
H193 CLR B . 2.99 26.97 18.64
H20 CLR B . 7.80 24.27 14.29
H211 CLR B . 10.23 25.07 15.94
H212 CLR B . 8.88 24.11 16.46
H213 CLR B . 9.96 23.49 15.26
H221 CLR B . 9.96 26.16 13.32
H222 CLR B . 8.75 25.38 12.39
H231 CLR B . 11.16 24.03 13.65
H232 CLR B . 9.88 23.15 12.91
H241 CLR B . 11.59 25.29 11.58
H242 CLR B . 10.22 24.60 10.83
H25 CLR B . 11.27 22.42 10.67
H261 CLR B . 11.87 24.09 8.94
H262 CLR B . 13.26 24.57 9.88
H263 CLR B . 13.16 22.94 9.24
H271 CLR B . 12.37 22.37 12.89
H272 CLR B . 13.55 22.05 11.64
H273 CLR B . 13.49 23.62 12.40
H1 CLR B . 3.06 32.51 21.76
C1 CLR C . -13.80 5.23 26.59
C2 CLR C . -14.34 6.01 27.79
C3 CLR C . -15.61 5.37 28.30
C4 CLR C . -15.32 3.94 28.72
C5 CLR C . -14.63 3.13 27.67
C6 CLR C . -14.98 1.88 27.44
C7 CLR C . -14.36 0.98 26.43
C8 CLR C . -13.02 1.48 25.90
C9 CLR C . -13.12 2.99 25.65
C10 CLR C . -13.44 3.78 26.95
C11 CLR C . -11.87 3.50 24.91
C12 CLR C . -11.50 2.69 23.67
C13 CLR C . -11.32 1.19 23.97
C14 CLR C . -12.65 0.75 24.60
C15 CLR C . -12.57 -0.78 24.58
C16 CLR C . -11.81 -1.10 23.29
C17 CLR C . -11.26 0.23 22.76
C18 CLR C . -10.13 0.95 24.93
C19 CLR C . -12.25 3.80 27.93
C20 CLR C . -9.94 0.03 22.00
C21 CLR C . -9.44 1.29 21.30
C22 CLR C . -10.11 -1.10 20.97
C23 CLR C . -9.17 -1.05 19.75
C24 CLR C . -9.21 -2.32 18.91
C25 CLR C . -8.05 -2.65 17.95
C26 CLR C . -8.05 -1.70 16.77
C27 CLR C . -6.69 -2.72 18.61
O1 CLR C . -16.15 6.06 29.43
H11 CLR C . -12.94 5.75 26.18
H12 CLR C . -14.54 5.24 25.79
H21 CLR C . -14.52 7.06 27.52
H22 CLR C . -13.59 6.07 28.58
H3 CLR C . -16.34 5.40 27.48
H41 CLR C . -14.73 3.95 29.64
H42 CLR C . -16.25 3.47 29.02
H6 CLR C . -15.79 1.42 28.00
H71 CLR C . -14.26 -0.01 26.89
H72 CLR C . -15.08 0.83 25.63
H8 CLR C . -12.25 1.29 26.64
H9 CLR C . -13.96 3.15 24.98
H111 CLR C . -12.01 4.54 24.63
H112 CLR C . -11.02 3.52 25.59
H121 CLR C . -12.26 2.83 22.90
H122 CLR C . -10.59 3.09 23.23
H14 CLR C . -13.45 1.01 23.90
H151 CLR C . -12.07 -1.17 25.46
H152 CLR C . -13.56 -1.23 24.60
H161 CLR C . -11.02 -1.82 23.47
H162 CLR C . -12.46 -1.59 22.56
H17 CLR C . -11.96 0.63 22.02
H181 CLR C . -10.27 1.45 25.89
H182 CLR C . -9.19 1.32 24.51
H183 CLR C . -9.97 -0.10 25.14
H191 CLR C . -12.51 4.15 28.93
H192 CLR C . -11.43 4.43 27.61
H193 CLR C . -11.81 2.82 28.08
H20 CLR C . -9.17 -0.25 22.72
H211 CLR C . -8.48 1.15 20.81
H212 CLR C . -10.12 1.63 20.52
H213 CLR C . -9.31 2.12 21.99
H221 CLR C . -9.97 -2.05 21.48
H222 CLR C . -11.14 -1.13 20.64
H231 CLR C . -8.15 -0.85 20.07
H232 CLR C . -9.44 -0.19 19.13
H241 CLR C . -10.14 -2.31 18.33
H242 CLR C . -9.33 -3.16 19.58
H25 CLR C . -8.22 -3.65 17.58
H261 CLR C . -7.18 -1.84 16.13
H262 CLR C . -8.07 -0.66 17.08
H263 CLR C . -8.93 -1.85 16.13
H271 CLR C . -6.27 -1.73 18.82
H272 CLR C . -6.72 -3.25 19.57
H273 CLR C . -5.96 -3.24 17.99
H1 CLR C . -16.21 7.02 29.16
C1 CLR D . -21.29 5.48 19.94
C2 CLR D . -21.81 6.13 21.23
C3 CLR D . -22.25 5.09 22.22
C4 CLR D . -21.10 4.14 22.55
C5 CLR D . -20.41 3.60 21.30
C6 CLR D . -20.14 2.32 21.18
C7 CLR D . -19.44 1.69 20.00
C8 CLR D . -18.73 2.72 19.13
C9 CLR D . -19.64 3.92 18.90
C10 CLR D . -20.05 4.63 20.22
C11 CLR D . -19.03 4.90 17.89
C12 CLR D . -18.55 4.26 16.60
C13 CLR D . -17.56 3.11 16.87
C14 CLR D . -18.30 2.12 17.79
C15 CLR D . -17.40 0.88 17.76
C16 CLR D . -16.86 0.85 16.33
C17 CLR D . -17.23 2.20 15.67
C18 CLR D . -16.28 3.67 17.52
C19 CLR D . -18.93 5.55 20.76
C20 CLR D . -16.15 2.65 14.67
C21 CLR D . -16.56 3.83 13.80
C22 CLR D . -15.67 1.48 13.78
C23 CLR D . -14.69 1.91 12.69
C24 CLR D . -14.42 0.84 11.65
C25 CLR D . -14.06 -0.48 12.19
C26 CLR D . -13.77 -1.33 10.99
C27 CLR D . -12.89 -0.49 13.11
O1 CLR D . -22.72 5.78 23.38
H11 CLR D . -22.08 4.86 19.51
H12 CLR D . -21.08 6.24 19.21
H21 CLR D . -22.62 6.81 21.01
H22 CLR D . -21.03 6.77 21.67
H3 CLR D . -23.05 4.46 21.82
H41 CLR D . -20.38 4.64 23.18
H42 CLR D . -21.47 3.32 23.15
H6 CLR D . -20.39 1.62 21.96
H71 CLR D . -20.20 1.13 19.44
H72 CLR D . -18.76 0.93 20.39
H8 CLR D . -17.83 3.04 19.66
H9 CLR D . -20.55 3.53 18.45
H111 CLR D . -18.20 5.45 18.35
H112 CLR D . -19.76 5.68 17.65
H121 CLR D . -19.39 3.90 16.02
H122 CLR D . -18.08 5.01 15.96
H14 CLR D . -19.23 1.82 17.29
H151 CLR D . -16.60 0.96 18.51
H152 CLR D . -17.93 -0.02 18.03
H161 CLR D . -17.27 0.00 15.78
H162 CLR D . -15.77 0.69 16.33
H17 CLR D . -18.14 2.06 15.10
H181 CLR D . -15.80 4.43 16.92
H182 CLR D . -15.54 2.90 17.70
H183 CLR D . -16.47 4.13 18.49
H191 CLR D . -19.09 5.86 21.79
H192 CLR D . -18.81 6.47 20.20
H193 CLR D . -17.95 5.07 20.76
H20 CLR D . -15.29 2.96 15.26
H211 CLR D . -15.71 4.33 13.35
H212 CLR D . -17.21 3.53 12.98
H213 CLR D . -17.10 4.59 14.36
H221 CLR D . -16.54 0.99 13.32
H222 CLR D . -15.24 0.70 14.40
H231 CLR D . -15.05 2.81 12.21
H232 CLR D . -13.75 2.20 13.15
H241 CLR D . -13.65 1.18 10.97
H242 CLR D . -15.31 0.73 11.01
H25 CLR D . -14.87 -0.87 12.81
H261 CLR D . -14.61 -1.36 10.31
H262 CLR D . -12.91 -0.95 10.44
H263 CLR D . -13.55 -2.36 11.28
H271 CLR D . -12.60 -1.49 13.41
H272 CLR D . -12.01 -0.03 12.66
H273 CLR D . -13.10 0.07 14.03
H1 CLR D . -22.05 5.61 24.10
C1 OLA E . 6.77 24.66 29.60
O1 OLA E . 5.82 24.65 30.43
O2 OLA E . 7.37 25.74 29.45
C2 OLA E . 7.15 23.38 28.83
C3 OLA E . 8.12 23.57 27.64
C4 OLA E . 7.84 22.65 26.42
C5 OLA E . 8.77 21.42 26.24
C6 OLA E . 9.58 21.37 24.92
C7 OLA E . 9.75 19.94 24.38
C8 OLA E . 10.91 19.66 23.40
C9 OLA E . 10.94 18.17 23.05
C10 OLA E . 12.02 17.44 22.30
C11 OLA E . 13.18 18.16 21.63
C12 OLA E . 13.96 17.24 20.70
C13 OLA E . 14.98 18.04 19.88
H21 OLA E . 7.61 22.70 29.54
H22 OLA E . 6.24 22.92 28.46
H31 OLA E . 8.06 24.60 27.31
H32 OLA E . 9.14 23.38 27.99
H41 OLA E . 6.81 22.28 26.52
H42 OLA E . 7.90 23.26 25.52
H51 OLA E . 9.48 21.40 27.07
H52 OLA E . 8.15 20.52 26.29
H61 OLA E . 9.09 21.97 24.17
H62 OLA E . 10.57 21.79 25.10
H71 OLA E . 8.81 19.67 23.89
H72 OLA E . 9.87 19.28 25.24
H81 OLA E . 11.85 19.95 23.86
H82 OLA E . 10.77 20.26 22.50
H9 OLA E . 10.08 17.58 23.36
H10 OLA E . 11.97 16.35 22.25
H111 OLA E . 13.85 18.55 22.40
H112 OLA E . 12.79 19.00 21.06
H121 OLA E . 13.27 16.72 20.03
H122 OLA E . 14.49 16.48 21.29
H131 OLA E . 15.67 18.55 20.55
H132 OLA E . 14.46 18.80 19.29
C1 OLA F . 10.37 28.30 29.12
O1 OLA F . 11.57 28.58 29.41
O2 OLA F . 9.41 28.84 29.74
C2 OLA F . 10.14 27.32 27.99
C3 OLA F . 11.43 27.00 27.25
C4 OLA F . 11.07 26.15 26.01
C5 OLA F . 12.22 25.27 25.53
C6 OLA F . 12.08 24.78 24.08
C7 OLA F . 13.04 23.62 23.73
C8 OLA F . 13.78 23.79 22.39
C9 OLA F . 14.06 22.47 21.70
C10 OLA F . 15.05 22.30 20.59
C11 OLA F . 15.76 23.43 19.89
C12 OLA F . 15.97 23.06 18.40
C13 OLA F . 17.14 22.11 18.10
C14 OLA F . 17.58 22.32 16.63
C15 OLA F . 18.33 21.17 15.94
H21 OLA F . 9.41 27.73 27.30
H22 OLA F . 9.72 26.39 28.41
H31 OLA F . 11.91 27.92 26.94
H32 OLA F . 12.11 26.46 27.90
H41 OLA F . 10.75 26.81 25.22
H42 OLA F . 10.22 25.50 26.27
H51 OLA F . 12.30 24.40 26.18
H52 OLA F . 13.14 25.85 25.61
H61 OLA F . 12.27 25.61 23.41
H62 OLA F . 11.06 24.44 23.93
H71 OLA F . 13.79 23.54 24.53
H72 OLA F . 12.47 22.70 23.72
H81 OLA F . 13.16 24.41 21.73
H82 OLA F . 14.71 24.30 22.56
H9 OLA F . 13.51 21.59 22.03
H10 OLA F . 15.27 21.29 20.27
H111 OLA F . 16.72 23.62 20.37
H112 OLA F . 15.16 24.34 19.96
H121 OLA F . 15.06 22.60 18.02
H122 OLA F . 16.14 23.99 17.86
H131 OLA F . 17.97 22.31 18.78
H132 OLA F . 16.82 21.08 18.25
H141 OLA F . 16.68 22.53 16.05
H142 OLA F . 18.21 23.20 16.59
H151 OLA F . 17.80 20.23 16.12
H152 OLA F . 18.35 21.35 14.87
C1 OLA G . -0.27 6.00 -9.87
O1 OLA G . 0.11 4.92 -9.38
O2 OLA G . 0.54 6.72 -10.53
C2 OLA G . -1.69 6.45 -9.66
C3 OLA G . -1.77 7.14 -8.31
C4 OLA G . -3.20 7.43 -7.83
C5 OLA G . -3.20 8.67 -6.94
C6 OLA G . -3.83 8.58 -5.56
C7 OLA G . -3.29 9.80 -4.81
H21 OLA G . -2.00 7.14 -10.44
H22 OLA G . -2.36 5.59 -9.68
H31 OLA G . -1.23 8.08 -8.37
H32 OLA G . -1.26 6.51 -7.57
H41 OLA G . -3.57 6.57 -7.27
H42 OLA G . -3.85 7.59 -8.67
H51 OLA G . -3.72 9.46 -7.49
H52 OLA G . -2.16 8.98 -6.81
H61 OLA G . -3.54 7.66 -5.06
H62 OLA G . -4.91 8.61 -5.62
H71 OLA G . -4.00 10.09 -4.03
H72 OLA G . -2.34 9.55 -4.33
C10 OLC H . 12.13 20.70 18.10
C9 OLC H . 11.20 21.08 18.98
C11 OLC H . 12.21 21.08 16.67
C8 OLC H . 10.02 21.93 18.67
C24 OLC H . 5.77 29.04 28.79
C12 OLC H . 12.97 20.06 15.82
C7 OLC H . 8.99 22.16 19.80
C15 OLC H . 15.96 19.70 13.58
C13 OLC H . 14.48 20.23 15.67
C6 OLC H . 9.35 23.33 20.72
C14 OLC H . 14.98 20.67 14.26
C5 OLC H . 8.19 24.21 21.21
C4 OLC H . 8.36 24.74 22.66
C3 OLC H . 7.54 25.99 23.04
C2 OLC H . 7.68 26.41 24.50
C21 OLC H . 6.65 29.41 26.46
C1 OLC H . 7.29 27.84 24.79
C22 OLC H . 5.47 29.52 27.38
O19 OLC H . 7.25 28.69 23.95
O25 OLC H . 7.08 29.43 29.21
O23 OLC H . 5.05 30.89 27.43
O20 OLC H . 7.00 28.05 26.09
H10 OLC H . 12.94 20.03 18.42
H9 OLC H . 11.28 20.77 20.02
H11 OLC H . 12.68 22.06 16.59
H11A OLC H . 11.20 21.23 16.29
H8 OLC H . 10.39 22.88 18.30
H8A OLC H . 9.53 21.48 17.81
H24 OLC H . 5.02 29.45 29.47
H24A OLC H . 5.66 27.96 28.83
H12 OLC H . 12.77 19.07 16.23
H12A OLC H . 12.52 20.04 14.83
H7 OLC H . 8.86 21.25 20.37
H7A OLC H . 8.01 22.33 19.35
H15 OLC H . 15.44 18.77 13.34
H15A OLC H . 16.74 19.40 14.27
H13 OLC H . 14.98 19.30 15.94
H13A OLC H . 14.83 20.95 16.41
H6 OLC H . 10.08 23.96 20.21
H6A OLC H . 9.87 22.93 21.59
H14 OLC H . 14.11 20.82 13.61
H14A OLC H . 15.43 21.66 14.33
H5 OLC H . 8.05 25.05 20.53
H5A OLC H . 7.24 23.66 21.13
H4 OLC H . 9.42 24.94 22.84
H4A OLC H . 8.13 23.94 23.36
H3 OLC H . 7.82 26.82 22.38
H3A OLC H . 6.48 25.81 22.80
H2 OLC H . 8.71 26.26 24.84
H2A OLC H . 7.09 25.75 25.14
H21 OLC H . 7.52 29.86 26.92
H21A OLC H . 6.45 29.95 25.54
H22 OLC H . 4.60 29.00 26.98
HO25 OLC H . 7.10 29.31 30.20
HO23 OLC H . 4.39 31.03 26.69
C1 OLB I . 15.31 10.24 -2.00
C2 OLB I . 15.62 10.62 -0.57
C3 OLB I . 14.90 11.89 -0.07
C4 OLB I . 13.97 11.62 1.09
C5 OLB I . 13.43 12.84 1.78
O19 OLB I . 14.85 10.99 -2.83
O20 OLB I . 15.53 8.92 -2.21
C21 OLB I . 14.61 8.23 -3.10
C22 OLB I . 14.98 8.38 -4.57
O23 OLB I . 16.29 7.83 -4.70
C24 OLB I . 13.98 7.74 -5.51
O25 OLB I . 14.44 7.66 -6.87
C6 OLB I . 13.40 12.72 3.30
C7 OLB I . 12.59 13.83 4.00
C8 OLB I . 12.81 14.03 5.53
C9 OLB I . 11.56 14.57 6.24
C10 OLB I . 11.42 15.49 7.23
C11 OLB I . 12.45 16.30 7.94
H2 OLB I . 15.37 9.77 0.07
H2A OLB I . 16.69 10.73 -0.47
H3 OLB I . 14.35 12.34 -0.89
H3A OLB I . 15.64 12.64 0.21
H4 OLB I . 13.15 11.00 0.75
H4A OLB I . 14.48 11.00 1.83
H5 OLB I . 12.43 13.05 1.40
H5A OLB I . 14.01 13.71 1.49
H21 OLB I . 14.60 7.18 -2.82
H21A OLB I . 13.62 8.62 -2.92
H22 OLB I . 15.13 9.42 -4.88
HO23 OLB I . 16.25 7.14 -5.43
H24 OLB I . 13.05 8.30 -5.47
H24A OLB I . 13.75 6.74 -5.16
HO25 OLB I . 13.66 7.93 -7.43
H16 OLB I . 14.41 12.72 3.69
H17 OLB I . 13.00 11.74 3.58
H18 OLB I . 12.78 14.78 3.49
H19 OLB I . 11.53 13.65 3.82
H20 OLB I . 13.12 13.09 5.97
H211 OLB I . 13.65 14.70 5.68
H221 OLB I . 10.66 14.09 5.87
H23 OLB I . 10.42 15.70 7.59
H241 OLB I . 12.80 15.74 8.82
H25 OLB I . 13.34 16.42 7.32
C9 OLC J . -18.37 3.67 9.06
C8 OLC J . -18.65 3.60 10.53
C24 OLC J . -24.58 10.75 20.11
C7 OLC J . -19.47 4.78 11.14
C6 OLC J . -20.02 4.57 12.59
C5 OLC J . -21.03 5.68 13.06
C4 OLC J . -21.31 5.75 14.58
C3 OLC J . -22.39 6.78 14.99
C2 OLC J . -22.82 6.77 16.46
C21 OLC J . -25.13 8.94 18.44
C1 OLC J . -23.94 7.73 16.77
C22 OLC J . -25.11 9.35 19.90
O19 OLC J . -24.67 8.18 15.94
O25 OLC J . -25.02 11.30 21.37
O23 OLC J . -26.41 9.24 20.48
O20 OLC J . -24.08 8.01 18.08
H9 OLC J . -18.25 2.69 8.58
H8 OLC J . -17.69 3.50 11.04
H8A OLC J . -19.15 2.66 10.73
H24 OLC J . -23.50 10.75 20.05
H24A OLC J . -24.92 11.39 19.29
H7 OLC J . -18.85 5.68 11.12
H7A OLC J . -20.29 5.02 10.47
H6 OLC J . -19.19 4.51 13.30
H6A OLC J . -20.51 3.59 12.65
H5 OLC J . -21.97 5.56 12.52
H5A OLC J . -20.66 6.66 12.72
H4 OLC J . -20.39 5.97 15.11
H4A OLC J . -21.61 4.76 14.93
H3 OLC J . -22.04 7.78 14.74
H3A OLC J . -23.27 6.64 14.37
H2 OLC J . -23.12 5.77 16.76
H2A OLC J . -21.97 7.01 17.10
H21 OLC J . -25.05 9.83 17.81
H21A OLC J . -26.10 8.47 18.20
H22 OLC J . -24.54 8.61 20.48
HO25 OLC J . -25.92 10.94 21.52
HO23 OLC J . -26.84 8.43 20.10
C1 PEG K . 0.34 14.93 -12.13
O1 PEG K . -0.82 14.18 -12.41
C2 PEG K . 1.41 14.63 -13.13
O2 PEG K . 2.28 15.74 -13.21
C3 PEG K . 3.45 15.46 -13.98
C4 PEG K . 3.12 15.39 -15.44
O4 PEG K . 3.47 16.59 -16.10
H11 PEG K . 0.66 14.70 -11.24
H12 PEG K . 0.14 15.88 -12.17
HO1 PEG K . -1.47 14.36 -11.89
H21 PEG K . 1.00 14.46 -13.99
H22 PEG K . 1.90 13.83 -12.85
H31 PEG K . 3.82 14.61 -13.69
H32 PEG K . 4.09 16.16 -13.84
H41 PEG K . 3.61 14.66 -15.84
H42 PEG K . 2.17 15.23 -15.54
HO4 PEG K . 4.14 16.53 -16.62
N1 A1H1S L . -6.79 12.84 18.78
N3 A1H1S L . -0.23 13.81 24.55
C4 A1H1S L . -3.41 13.11 17.87
C5 A1H1S L . -2.31 12.37 17.44
C6 A1H1S L . -2.18 11.96 16.13
C7 A1H1S L . -3.16 12.28 15.21
C8 A1H1S L . -4.28 13.00 15.62
C10 A1H1S L . -2.32 14.04 19.91
C13 A1H1S L . -1.57 15.64 23.57
C15 A1H1S L . -0.44 12.85 25.51
N A1H1S L . -5.82 14.28 21.98
C A1H1S L . -4.70 14.15 21.30
O A1H1S L . -3.01 11.91 13.91
C1 A1H1S L . -4.68 13.68 19.97
C11 A1H1S L . -1.07 14.14 19.23
C12 A1H1S L . -2.41 14.48 21.24
C14 A1H1S L . -1.35 14.53 24.53
C16 A1H1S L . -1.66 12.99 26.08
C2 A1H1S L . -5.88 13.22 19.34
C3 A1H1S L . -3.49 13.62 19.26
C9 A1H1S L . -4.39 13.40 16.94
N2 A1H1S L . -0.11 14.21 18.62
N4 A1H1S L . -2.23 14.06 25.45
N5 A1H1S L . -3.56 14.52 21.92
S A1H1S L . -0.93 15.05 21.97
H2 A1H1S L . -1.52 12.10 18.15
H3 A1H1S L . -1.31 11.40 15.82
H5 A1H1S L . -5.08 13.24 14.93
H8 A1H1S L . -1.05 16.54 23.91
H7 A1H1S L . -2.63 15.90 23.51
H9 A1H1S L . 0.32 12.10 25.74
H A1H1S L . -5.82 14.63 22.94
H1 A1H1S L . -6.73 14.05 21.56
H4 A1H1S L . -3.80 12.23 13.39
H10 A1H1S L . -2.16 12.43 26.87
H6 A1H1S L . -5.28 13.96 17.25
H11 A1H1S L . -3.16 14.44 25.65
C1 OLA M . 0.25 8.18 34.54
O1 OLA M . -0.53 7.91 33.59
O2 OLA M . 0.24 9.38 34.94
C2 OLA M . 1.14 7.12 35.17
C3 OLA M . 0.99 5.78 34.43
C4 OLA M . 1.85 5.62 33.16
C5 OLA M . 1.62 6.74 32.14
C6 OLA M . 2.29 6.44 30.79
C7 OLA M . 2.05 4.99 30.38
C8 OLA M . 2.11 4.84 28.87
C9 OLA M . 3.45 5.32 28.37
C10 OLA M . 4.05 4.49 27.32
C11 OLA M . 3.36 3.18 27.07
C12 OLA M . 4.17 1.91 27.34
C13 OLA M . 5.00 1.55 26.12
C14 OLA M . 4.15 0.97 25.00
C15 OLA M . 4.97 0.54 23.78
C16 OLA M . 4.23 0.76 22.45
C17 OLA M . 2.71 0.44 22.46
C10 OLC N . 8.41 18.85 6.39
C9 OLC N . 7.56 18.16 5.65
C11 OLC N . 8.23 20.27 6.91
C8 OLC N . 7.76 16.75 5.18
C24 OLC N . 10.54 10.56 -6.02
C12 OLC N . 9.42 21.20 6.61
C7 OLC N . 8.86 16.59 4.12
C6 OLC N . 8.42 15.86 2.85
C5 OLC N . 9.42 15.86 1.69
C4 OLC N . 8.99 15.08 0.45
C3 OLC N . 9.40 13.62 0.51
C2 OLC N . 8.83 12.77 -0.62
C21 OLC N . 10.14 11.83 -3.90
C1 OLC N . 9.89 12.26 -1.55
C22 OLC N . 10.37 10.48 -4.52
O19 OLC N . 11.07 12.35 -1.35
O25 OLC N . 11.84 10.10 -6.37
O23 OLC N . 11.60 9.93 -4.03
O20 OLC N . 9.36 11.73 -2.68
#